data_5WC1
#
_entry.id   5WC1
#
_cell.length_a   99.363
_cell.length_b   99.363
_cell.length_c   76.581
_cell.angle_alpha   90.00
_cell.angle_beta   90.00
_cell.angle_gamma   120.00
#
_symmetry.space_group_name_H-M   'P 65'
#
loop_
_entity.id
_entity.type
_entity.pdbx_description
1 polymer 'Meiotic spindle formation protein mei-1'
2 non-polymer 'SULFATE ION'
#
_entity_poly.entity_id   1
_entity_poly.type   'polypeptide(L)'
_entity_poly.pdbx_seq_one_letter_code
;MNGDVQSVIRGYLERAQVAKTMSDAGRWNEAGDLLRQLMTDVKSCKISASNRDEHDARNTFLRALEANLKLVQQNVRDED
DLHEAMTRQSGSPEPPADPDVWSKPSPPLPSSSKFGATKKGVGAAGPRPREISKSTSSMSTNPADVKPANPTQGILPQNS
AGDSFDASAYDAYIVQAVRGTMATNTENTMSLDDIIGMHDVKQVLHEAVTLPLLVPEFFQGLRSPWKAMVLAGPPGTGKT
LIARAIASESSSTFFTVSSTDLSSKWRGDSEKIVRLLFELARFYAPSIIFIDQIDTLGGQRGNSGEHEASRRVKSEFLVQ
MDGSQNKFDSRRVFVLAATNIPWELDEALRRRFEKRIFIPLPDIDARKKLIEKSMEGTPKSDEINYDDLAARTEGFSGAD
VVSLCRTAAINVLRRYDTKSLRGGELTAAMESLKAELVRNIDFEAALQAVSPSAGPDTMLKCKEWCDSFGAM
;
_entity_poly.pdbx_strand_id   A
#
# COMPACT_ATOMS: atom_id res chain seq x y z
N TYR A 173 23.13 21.58 0.50
CA TYR A 173 23.75 20.66 1.45
C TYR A 173 23.92 19.28 0.82
N ILE A 174 24.03 18.25 1.67
CA ILE A 174 24.36 16.90 1.19
C ILE A 174 23.36 15.87 1.68
N VAL A 175 22.08 16.10 1.38
CA VAL A 175 20.98 15.25 1.83
C VAL A 175 20.05 14.95 0.66
N GLN A 176 20.59 14.28 -0.36
CA GLN A 176 19.84 13.95 -1.56
C GLN A 176 18.99 12.71 -1.36
N ALA A 177 18.66 12.40 -0.10
CA ALA A 177 17.70 11.35 0.20
C ALA A 177 16.26 11.79 -0.03
N VAL A 178 16.04 13.09 -0.28
CA VAL A 178 14.70 13.56 -0.65
C VAL A 178 14.40 13.25 -2.11
N ARG A 179 15.40 13.41 -2.99
CA ARG A 179 15.27 12.98 -4.37
C ARG A 179 15.12 11.46 -4.47
N GLY A 180 15.46 10.73 -3.41
CA GLY A 180 15.24 9.30 -3.35
C GLY A 180 13.85 8.99 -2.83
N THR A 181 12.99 10.00 -2.81
CA THR A 181 11.59 9.85 -2.48
C THR A 181 10.65 10.43 -3.53
N MET A 182 11.17 11.16 -4.53
CA MET A 182 10.33 11.83 -5.50
C MET A 182 9.89 10.86 -6.61
N ALA A 183 9.03 11.37 -7.49
CA ALA A 183 8.52 10.60 -8.62
C ALA A 183 7.87 11.56 -9.61
N THR A 184 7.86 11.16 -10.88
CA THR A 184 7.24 11.95 -11.94
C THR A 184 7.00 11.10 -13.18
N MET A 190 2.33 4.53 -11.51
CA MET A 190 1.33 3.47 -11.58
C MET A 190 0.10 3.92 -12.37
N SER A 191 -1.00 3.22 -12.16
CA SER A 191 -2.26 3.57 -12.80
C SER A 191 -3.40 3.18 -11.86
N LEU A 192 -4.48 3.95 -11.91
CA LEU A 192 -5.60 3.71 -11.00
C LEU A 192 -6.30 2.39 -11.29
N ASP A 193 -6.12 1.83 -12.48
CA ASP A 193 -6.68 0.53 -12.82
C ASP A 193 -5.68 -0.61 -12.68
N ASP A 194 -4.45 -0.31 -12.29
CA ASP A 194 -3.53 -1.33 -11.79
C ASP A 194 -3.86 -1.74 -10.36
N ILE A 195 -4.92 -1.18 -9.79
CA ILE A 195 -5.39 -1.49 -8.45
C ILE A 195 -6.70 -2.24 -8.57
N ILE A 196 -6.87 -3.28 -7.76
CA ILE A 196 -8.09 -4.10 -7.76
C ILE A 196 -8.97 -3.65 -6.59
N GLY A 197 -10.23 -3.39 -6.88
CA GLY A 197 -11.15 -3.04 -5.81
C GLY A 197 -10.92 -1.62 -5.31
N MET A 198 -11.27 -1.42 -4.03
CA MET A 198 -11.24 -0.10 -3.41
C MET A 198 -12.08 0.90 -4.20
N HIS A 199 -13.20 0.42 -4.74
CA HIS A 199 -14.04 1.27 -5.59
C HIS A 199 -14.52 2.50 -4.83
N ASP A 200 -14.91 2.33 -3.57
CA ASP A 200 -15.31 3.47 -2.75
C ASP A 200 -14.12 4.38 -2.46
N VAL A 201 -12.98 3.78 -2.11
CA VAL A 201 -11.79 4.57 -1.80
C VAL A 201 -11.31 5.33 -3.02
N LYS A 202 -11.46 4.74 -4.21
CA LYS A 202 -11.00 5.39 -5.43
C LYS A 202 -11.81 6.64 -5.73
N GLN A 203 -13.15 6.54 -5.66
CA GLN A 203 -13.99 7.70 -5.93
C GLN A 203 -13.75 8.82 -4.93
N VAL A 204 -13.45 8.47 -3.68
CA VAL A 204 -13.17 9.48 -2.67
C VAL A 204 -11.89 10.23 -3.02
N LEU A 205 -10.79 9.49 -3.25
CA LEU A 205 -9.54 10.13 -3.59
C LEU A 205 -9.60 10.81 -4.94
N HIS A 206 -10.44 10.32 -5.86
CA HIS A 206 -10.57 10.98 -7.16
C HIS A 206 -11.24 12.34 -7.01
N GLU A 207 -12.33 12.40 -6.25
CA GLU A 207 -13.02 13.68 -6.04
C GLU A 207 -12.20 14.62 -5.16
N ALA A 208 -11.33 14.08 -4.31
CA ALA A 208 -10.60 14.89 -3.35
C ALA A 208 -9.28 15.43 -3.88
N VAL A 209 -8.66 14.78 -4.86
CA VAL A 209 -7.34 15.14 -5.34
C VAL A 209 -7.35 15.45 -6.83
N THR A 210 -7.89 14.54 -7.64
CA THR A 210 -7.77 14.66 -9.09
C THR A 210 -8.70 15.73 -9.66
N LEU A 211 -10.00 15.63 -9.35
CA LEU A 211 -10.96 16.62 -9.85
C LEU A 211 -10.62 18.05 -9.44
N PRO A 212 -10.27 18.35 -8.17
CA PRO A 212 -9.96 19.75 -7.83
C PRO A 212 -8.84 20.35 -8.66
N LEU A 213 -7.86 19.56 -9.06
CA LEU A 213 -6.78 20.08 -9.89
C LEU A 213 -7.24 20.32 -11.32
N LEU A 214 -8.27 19.59 -11.77
CA LEU A 214 -8.71 19.64 -13.15
C LEU A 214 -9.84 20.62 -13.40
N VAL A 215 -10.70 20.85 -12.41
CA VAL A 215 -11.70 21.91 -12.52
C VAL A 215 -11.57 22.83 -11.31
N PRO A 216 -10.53 23.67 -11.26
CA PRO A 216 -10.35 24.54 -10.08
C PRO A 216 -11.48 25.52 -9.89
N GLU A 217 -12.10 25.99 -10.97
CA GLU A 217 -13.21 26.94 -10.84
C GLU A 217 -14.37 26.35 -10.05
N PHE A 218 -14.56 25.03 -10.15
CA PHE A 218 -15.62 24.39 -9.39
C PHE A 218 -15.21 24.09 -7.96
N PHE A 219 -13.93 23.81 -7.73
CA PHE A 219 -13.44 23.43 -6.40
C PHE A 219 -12.69 24.61 -5.77
N GLN A 220 -13.48 25.62 -5.40
CA GLN A 220 -12.95 26.78 -4.69
C GLN A 220 -14.07 27.34 -3.80
N GLY A 221 -13.66 27.98 -2.70
CA GLY A 221 -14.62 28.50 -1.75
C GLY A 221 -15.25 27.43 -0.89
N LEU A 222 -16.59 27.33 -0.95
CA LEU A 222 -17.28 26.26 -0.23
C LEU A 222 -16.88 24.88 -0.73
N ARG A 223 -16.42 24.77 -1.97
CA ARG A 223 -15.93 23.51 -2.51
C ARG A 223 -14.40 23.45 -2.55
N SER A 224 -13.74 24.20 -1.67
CA SER A 224 -12.29 24.13 -1.58
C SER A 224 -11.87 22.70 -1.28
N PRO A 225 -10.78 22.22 -1.88
CA PRO A 225 -10.36 20.83 -1.64
C PRO A 225 -9.75 20.66 -0.25
N TRP A 226 -9.89 19.45 0.28
CA TRP A 226 -9.14 19.10 1.47
C TRP A 226 -7.65 19.17 1.17
N LYS A 227 -6.87 19.58 2.17
CA LYS A 227 -5.43 19.66 2.04
C LYS A 227 -4.71 18.48 2.66
N ALA A 228 -5.45 17.58 3.32
CA ALA A 228 -4.85 16.43 4.00
C ALA A 228 -5.96 15.51 4.46
N MET A 229 -5.64 14.22 4.54
CA MET A 229 -6.56 13.22 5.07
C MET A 229 -5.76 11.98 5.45
N VAL A 230 -6.43 11.06 6.15
CA VAL A 230 -5.79 9.87 6.69
C VAL A 230 -6.46 8.61 6.15
N LEU A 231 -5.64 7.64 5.75
CA LEU A 231 -6.10 6.33 5.33
C LEU A 231 -5.87 5.36 6.48
N ALA A 232 -6.94 4.84 7.06
CA ALA A 232 -6.86 4.00 8.25
C ALA A 232 -7.48 2.64 7.94
N GLY A 233 -6.71 1.58 8.14
CA GLY A 233 -7.19 0.23 7.93
C GLY A 233 -6.18 -0.79 8.38
N PRO A 234 -6.46 -2.07 8.14
CA PRO A 234 -5.50 -3.13 8.50
C PRO A 234 -4.21 -2.97 7.73
N PRO A 235 -3.15 -3.67 8.13
CA PRO A 235 -1.90 -3.59 7.37
C PRO A 235 -1.97 -4.35 6.06
N GLY A 236 -1.26 -3.84 5.06
CA GLY A 236 -1.10 -4.53 3.80
C GLY A 236 -2.36 -4.65 2.95
N THR A 237 -3.22 -3.64 2.96
CA THR A 237 -4.42 -3.65 2.13
C THR A 237 -4.45 -2.46 1.18
N GLY A 238 -3.27 -2.08 0.68
CA GLY A 238 -3.16 -1.28 -0.53
C GLY A 238 -3.01 0.22 -0.36
N LYS A 239 -2.64 0.70 0.83
CA LYS A 239 -2.65 2.14 1.07
C LYS A 239 -1.57 2.86 0.28
N THR A 240 -0.39 2.24 0.15
CA THR A 240 0.68 2.89 -0.60
C THR A 240 0.44 2.83 -2.11
N LEU A 241 -0.13 1.73 -2.59
CA LEU A 241 -0.45 1.63 -4.01
C LEU A 241 -1.50 2.66 -4.41
N ILE A 242 -2.58 2.76 -3.62
CA ILE A 242 -3.63 3.72 -3.95
C ILE A 242 -3.13 5.15 -3.81
N ALA A 243 -2.15 5.38 -2.93
CA ALA A 243 -1.56 6.70 -2.80
C ALA A 243 -0.76 7.05 -4.05
N ARG A 244 0.08 6.11 -4.50
CA ARG A 244 0.88 6.35 -5.70
C ARG A 244 0.01 6.41 -6.95
N ALA A 245 -1.10 5.67 -6.97
CA ALA A 245 -1.96 5.68 -8.15
C ALA A 245 -2.61 7.03 -8.36
N ILE A 246 -3.14 7.63 -7.29
CA ILE A 246 -3.76 8.94 -7.39
C ILE A 246 -2.75 9.98 -7.85
N ALA A 247 -1.52 9.90 -7.35
CA ALA A 247 -0.46 10.80 -7.81
C ALA A 247 -0.24 10.65 -9.30
N SER A 248 -0.42 9.45 -9.84
CA SER A 248 -0.29 9.23 -11.26
C SER A 248 -1.50 9.74 -12.03
N GLU A 249 -2.71 9.53 -11.49
CA GLU A 249 -3.91 9.98 -12.19
C GLU A 249 -4.04 11.50 -12.14
N SER A 250 -3.67 12.11 -11.01
CA SER A 250 -3.74 13.56 -10.85
C SER A 250 -2.46 14.26 -11.30
N SER A 251 -1.53 13.52 -11.92
CA SER A 251 -0.29 14.09 -12.45
C SER A 251 0.51 14.82 -11.37
N SER A 252 0.49 14.28 -10.16
CA SER A 252 1.21 14.86 -9.04
C SER A 252 2.58 14.21 -8.88
N THR A 253 3.57 15.03 -8.51
CA THR A 253 4.85 14.47 -8.12
C THR A 253 4.72 13.82 -6.74
N PHE A 254 5.20 12.59 -6.63
CA PHE A 254 4.95 11.76 -5.46
C PHE A 254 6.11 11.84 -4.48
N PHE A 255 5.79 11.93 -3.19
CA PHE A 255 6.78 11.95 -2.12
C PHE A 255 6.39 10.89 -1.10
N THR A 256 7.19 9.83 -0.99
CA THR A 256 6.93 8.72 -0.09
C THR A 256 7.91 8.80 1.09
N VAL A 257 7.37 8.67 2.30
CA VAL A 257 8.18 8.80 3.51
C VAL A 257 7.69 7.83 4.58
N SER A 258 8.59 7.01 5.12
CA SER A 258 8.26 6.21 6.28
C SER A 258 8.46 7.04 7.55
N SER A 259 7.67 6.73 8.58
CA SER A 259 7.75 7.46 9.84
C SER A 259 8.91 7.01 10.73
N THR A 260 10.03 6.62 10.12
CA THR A 260 11.21 6.15 10.84
C THR A 260 12.36 7.12 10.61
N ASP A 261 12.52 8.06 11.54
CA ASP A 261 13.76 8.82 11.63
C ASP A 261 14.93 7.94 12.07
N LEU A 262 14.67 6.71 12.50
CA LEU A 262 15.73 5.78 12.85
C LEU A 262 16.38 5.21 11.59
N ASP A 269 18.71 16.36 13.88
CA ASP A 269 19.34 15.80 12.70
C ASP A 269 18.29 15.26 11.73
N SER A 270 17.29 14.55 12.28
CA SER A 270 16.26 13.98 11.43
C SER A 270 15.36 15.05 10.83
N GLU A 271 15.14 16.15 11.55
CA GLU A 271 14.24 17.20 11.12
C GLU A 271 14.77 18.03 9.96
N LYS A 272 16.02 17.82 9.55
CA LYS A 272 16.59 18.57 8.44
C LYS A 272 16.18 17.98 7.10
N ILE A 273 14.97 17.41 7.04
CA ILE A 273 14.48 16.74 5.84
C ILE A 273 13.06 17.22 5.53
N VAL A 274 12.23 17.36 6.57
CA VAL A 274 10.85 17.76 6.36
C VAL A 274 10.77 19.17 5.78
N ARG A 275 11.57 20.10 6.31
CA ARG A 275 11.61 21.45 5.78
C ARG A 275 12.23 21.51 4.38
N LEU A 276 12.82 20.41 3.91
CA LEU A 276 13.22 20.24 2.52
C LEU A 276 12.20 19.45 1.71
N LEU A 277 11.61 18.43 2.32
CA LEU A 277 10.54 17.66 1.69
C LEU A 277 9.39 18.58 1.30
N PHE A 278 8.85 19.32 2.27
CA PHE A 278 7.79 20.27 1.99
C PHE A 278 8.26 21.41 1.11
N GLU A 279 9.54 21.77 1.18
CA GLU A 279 10.08 22.81 0.30
C GLU A 279 10.05 22.34 -1.16
N LEU A 280 10.67 21.18 -1.43
CA LEU A 280 10.65 20.63 -2.78
C LEU A 280 9.25 20.19 -3.20
N ALA A 281 8.37 19.89 -2.24
CA ALA A 281 6.99 19.55 -2.58
C ALA A 281 6.26 20.77 -3.15
N ARG A 282 6.33 21.90 -2.45
CA ARG A 282 5.76 23.14 -2.98
C ARG A 282 6.50 23.60 -4.22
N PHE A 283 7.80 23.28 -4.32
CA PHE A 283 8.61 23.81 -5.41
C PHE A 283 8.26 23.13 -6.73
N TYR A 284 8.14 21.82 -6.69
CA TYR A 284 7.85 21.06 -7.89
C TYR A 284 6.38 20.90 -8.13
N ALA A 285 5.69 22.01 -8.35
CA ALA A 285 4.26 22.03 -8.64
C ALA A 285 3.40 21.35 -7.63
N PRO A 286 2.34 20.72 -8.09
CA PRO A 286 1.42 19.98 -7.24
C PRO A 286 2.11 18.75 -6.77
N SER A 287 1.95 18.35 -5.54
CA SER A 287 2.61 17.16 -5.11
C SER A 287 1.84 16.52 -4.03
N ILE A 288 2.11 15.25 -3.82
CA ILE A 288 1.44 14.54 -2.79
C ILE A 288 2.50 13.96 -1.98
N ILE A 289 2.36 14.12 -0.70
CA ILE A 289 3.25 13.59 0.32
C ILE A 289 2.50 12.47 1.04
N PHE A 290 2.97 11.24 0.86
CA PHE A 290 2.44 10.09 1.59
C PHE A 290 3.44 9.72 2.68
N ILE A 291 2.96 9.69 3.91
CA ILE A 291 3.77 9.32 5.06
C ILE A 291 3.10 8.12 5.73
N ASP A 292 3.88 7.09 6.03
CA ASP A 292 3.34 5.82 6.50
C ASP A 292 3.56 5.68 8.00
N GLN A 293 2.52 5.23 8.71
CA GLN A 293 2.60 4.90 10.13
C GLN A 293 2.85 6.15 10.99
N ILE A 294 1.94 7.12 10.87
CA ILE A 294 2.01 8.37 11.63
C ILE A 294 1.97 8.09 13.13
N ASP A 295 1.47 6.90 13.49
CA ASP A 295 1.55 6.44 14.87
C ASP A 295 2.97 6.58 15.41
N THR A 296 3.96 6.30 14.57
CA THR A 296 5.36 6.54 14.92
C THR A 296 5.71 8.01 14.72
N SER A 310 15.00 10.38 17.86
CA SER A 310 14.10 11.36 17.26
C SER A 310 13.16 11.94 18.31
N ARG A 311 13.38 13.21 18.65
CA ARG A 311 12.59 13.87 19.68
C ARG A 311 11.63 14.89 19.08
N ARG A 312 12.13 16.09 18.82
CA ARG A 312 11.30 17.18 18.30
C ARG A 312 11.06 16.98 16.81
N VAL A 313 10.35 15.90 16.46
CA VAL A 313 10.06 15.56 15.08
C VAL A 313 8.73 16.13 14.61
N LYS A 314 7.66 15.86 15.35
CA LYS A 314 6.35 16.41 15.02
C LYS A 314 6.36 17.93 14.97
N SER A 315 7.32 18.57 15.64
CA SER A 315 7.49 20.01 15.62
C SER A 315 7.51 20.56 14.20
N GLU A 316 8.60 20.29 13.48
CA GLU A 316 8.74 20.81 12.12
C GLU A 316 7.68 20.27 11.17
N PHE A 317 7.09 19.10 11.49
CA PHE A 317 6.01 18.57 10.66
C PHE A 317 4.79 19.48 10.74
N LEU A 318 4.25 19.66 11.95
CA LEU A 318 3.13 20.58 12.14
C LEU A 318 3.53 22.01 11.79
N VAL A 319 4.78 22.39 12.06
CA VAL A 319 5.26 23.72 11.69
C VAL A 319 5.40 23.88 10.17
N GLN A 320 5.38 22.79 9.41
CA GLN A 320 5.28 22.85 7.96
C GLN A 320 3.93 22.41 7.44
N MET A 321 3.12 21.75 8.26
CA MET A 321 1.78 21.35 7.84
C MET A 321 0.77 22.48 8.07
N ASP A 322 0.71 22.99 9.31
CA ASP A 322 -0.23 24.05 9.68
C ASP A 322 -0.14 25.25 8.75
N ARG A 331 2.26 26.47 -4.10
CA ARG A 331 1.15 25.86 -4.82
C ARG A 331 0.56 24.69 -4.03
N ARG A 332 -0.13 23.79 -4.73
CA ARG A 332 -0.88 22.74 -4.06
C ARG A 332 0.05 21.65 -3.53
N VAL A 333 -0.16 21.24 -2.29
CA VAL A 333 0.53 20.11 -1.67
C VAL A 333 -0.49 19.35 -0.84
N PHE A 334 -0.81 18.13 -1.24
CA PHE A 334 -1.79 17.29 -0.56
C PHE A 334 -1.08 16.19 0.20
N VAL A 335 -1.31 16.11 1.51
CA VAL A 335 -0.68 15.14 2.39
C VAL A 335 -1.64 13.99 2.64
N LEU A 336 -1.20 12.77 2.35
CA LEU A 336 -2.00 11.56 2.51
C LEU A 336 -1.35 10.69 3.59
N ALA A 337 -2.10 10.40 4.65
CA ALA A 337 -1.59 9.73 5.83
C ALA A 337 -2.18 8.34 5.98
N ALA A 338 -1.39 7.42 6.53
CA ALA A 338 -1.81 6.05 6.74
C ALA A 338 -1.32 5.56 8.09
N THR A 339 -2.19 4.88 8.83
CA THR A 339 -1.82 4.29 10.11
C THR A 339 -2.57 2.97 10.30
N ASN A 340 -1.91 2.01 10.94
CA ASN A 340 -2.57 0.74 11.24
C ASN A 340 -3.39 0.84 12.52
N ILE A 341 -2.96 1.66 13.48
CA ILE A 341 -3.66 1.86 14.74
C ILE A 341 -4.09 3.32 14.83
N PRO A 342 -5.29 3.65 14.35
CA PRO A 342 -5.81 5.00 14.54
C PRO A 342 -6.30 5.27 15.96
N TRP A 343 -6.28 4.27 16.83
CA TRP A 343 -6.58 4.50 18.23
C TRP A 343 -5.56 5.43 18.88
N GLU A 344 -4.29 5.26 18.53
CA GLU A 344 -3.24 6.17 18.99
C GLU A 344 -3.59 7.60 18.62
N LEU A 345 -3.80 8.44 19.64
CA LEU A 345 -4.40 9.75 19.44
C LEU A 345 -3.38 10.80 19.05
N ASP A 346 -2.75 11.41 20.06
CA ASP A 346 -1.98 12.64 19.90
C ASP A 346 -2.82 13.68 19.14
N GLU A 347 -3.79 14.22 19.88
CA GLU A 347 -4.84 15.06 19.30
C GLU A 347 -4.29 16.22 18.49
N ALA A 348 -3.01 16.58 18.69
CA ALA A 348 -2.34 17.54 17.81
C ALA A 348 -2.28 17.04 16.37
N LEU A 349 -2.35 15.72 16.17
CA LEU A 349 -2.46 15.11 14.85
C LEU A 349 -3.89 14.84 14.44
N ARG A 350 -4.68 14.23 15.33
CA ARG A 350 -6.09 13.96 15.05
C ARG A 350 -6.86 15.23 14.74
N ARG A 351 -6.37 16.38 15.17
CA ARG A 351 -7.02 17.63 14.80
C ARG A 351 -6.69 18.01 13.36
N ARG A 352 -5.40 17.98 13.01
CA ARG A 352 -4.94 18.41 11.69
C ARG A 352 -5.27 17.41 10.58
N PHE A 353 -6.07 16.38 10.87
CA PHE A 353 -6.53 15.42 9.86
C PHE A 353 -8.04 15.27 10.04
N GLU A 354 -8.81 15.95 9.20
CA GLU A 354 -10.26 15.95 9.35
C GLU A 354 -10.90 14.73 8.68
N LYS A 355 -10.52 14.46 7.44
CA LYS A 355 -11.06 13.34 6.68
C LYS A 355 -10.30 12.06 7.04
N ARG A 356 -11.03 11.05 7.49
CA ARG A 356 -10.45 9.77 7.90
C ARG A 356 -11.12 8.66 7.10
N ILE A 357 -10.38 8.07 6.17
CA ILE A 357 -10.93 7.08 5.25
C ILE A 357 -10.59 5.70 5.76
N PHE A 358 -11.62 4.86 5.93
CA PHE A 358 -11.38 3.45 6.24
C PHE A 358 -11.22 2.68 4.94
N ILE A 359 -10.07 2.04 4.77
CA ILE A 359 -9.78 1.19 3.62
C ILE A 359 -9.74 -0.26 4.11
N PRO A 360 -10.63 -1.13 3.62
CA PRO A 360 -10.78 -2.45 4.25
C PRO A 360 -10.06 -3.58 3.55
N LEU A 361 -10.37 -4.82 3.96
CA LEU A 361 -9.86 -6.03 3.36
C LEU A 361 -10.70 -6.43 2.15
N PRO A 362 -10.12 -7.12 1.18
CA PRO A 362 -10.86 -7.45 -0.04
C PRO A 362 -11.97 -8.46 0.22
N ASP A 363 -13.05 -8.33 -0.52
CA ASP A 363 -14.09 -9.34 -0.54
C ASP A 363 -13.68 -10.50 -1.45
N ILE A 364 -14.53 -11.52 -1.53
CA ILE A 364 -14.14 -12.75 -2.22
C ILE A 364 -13.92 -12.50 -3.70
N ASP A 365 -14.61 -11.50 -4.28
CA ASP A 365 -14.42 -11.18 -5.68
C ASP A 365 -13.11 -10.44 -5.92
N ALA A 366 -12.74 -9.53 -5.02
CA ALA A 366 -11.45 -8.86 -5.15
C ALA A 366 -10.30 -9.79 -4.80
N ARG A 367 -10.55 -10.78 -3.93
CA ARG A 367 -9.51 -11.74 -3.58
C ARG A 367 -9.12 -12.59 -4.78
N LYS A 368 -10.12 -13.12 -5.49
CA LYS A 368 -9.83 -13.96 -6.65
C LYS A 368 -9.04 -13.20 -7.70
N LYS A 369 -9.44 -11.95 -7.99
CA LYS A 369 -8.71 -11.16 -8.97
C LYS A 369 -7.30 -10.82 -8.51
N LEU A 370 -7.08 -10.78 -7.19
CA LEU A 370 -5.73 -10.63 -6.67
C LEU A 370 -4.93 -11.91 -6.84
N ILE A 371 -5.53 -13.05 -6.47
CA ILE A 371 -4.84 -14.34 -6.55
C ILE A 371 -4.45 -14.64 -7.98
N GLU A 372 -5.33 -14.33 -8.94
CA GLU A 372 -4.99 -14.54 -10.35
C GLU A 372 -3.91 -13.57 -10.80
N LYS A 373 -3.96 -12.32 -10.32
CA LYS A 373 -2.99 -11.32 -10.74
C LYS A 373 -1.58 -11.68 -10.28
N SER A 374 -1.47 -12.28 -9.09
CA SER A 374 -0.16 -12.66 -8.59
C SER A 374 0.40 -13.86 -9.34
N MET A 375 -0.45 -14.86 -9.62
CA MET A 375 0.01 -16.08 -10.25
C MET A 375 0.39 -15.90 -11.72
N GLU A 376 0.11 -14.75 -12.31
CA GLU A 376 0.43 -14.54 -13.72
C GLU A 376 1.94 -14.53 -13.93
N GLY A 377 2.36 -15.04 -15.09
CA GLY A 377 3.75 -15.17 -15.41
C GLY A 377 4.43 -16.42 -14.87
N THR A 378 3.90 -16.99 -13.79
CA THR A 378 4.46 -18.18 -13.13
C THR A 378 3.90 -19.44 -13.77
N PRO A 379 4.75 -20.42 -14.09
CA PRO A 379 4.24 -21.70 -14.62
C PRO A 379 3.37 -22.40 -13.59
N LYS A 380 2.28 -23.00 -14.07
CA LYS A 380 1.30 -23.61 -13.18
C LYS A 380 0.39 -24.52 -13.97
N SER A 381 -0.19 -25.51 -13.27
CA SER A 381 -1.20 -26.36 -13.88
C SER A 381 -2.50 -25.59 -14.04
N ASP A 382 -3.37 -26.13 -14.89
CA ASP A 382 -4.70 -25.55 -15.08
C ASP A 382 -5.72 -26.05 -14.08
N GLU A 383 -5.40 -27.13 -13.34
CA GLU A 383 -6.30 -27.71 -12.35
C GLU A 383 -6.49 -26.83 -11.12
N ILE A 384 -5.87 -25.66 -11.08
CA ILE A 384 -5.98 -24.76 -9.94
C ILE A 384 -7.33 -24.07 -9.97
N ASN A 385 -7.96 -23.96 -8.80
CA ASN A 385 -9.29 -23.36 -8.65
C ASN A 385 -9.13 -22.03 -7.92
N TYR A 386 -9.23 -20.93 -8.67
CA TYR A 386 -9.11 -19.60 -8.06
C TYR A 386 -10.36 -19.20 -7.31
N ASP A 387 -11.51 -19.82 -7.61
CA ASP A 387 -12.72 -19.58 -6.85
C ASP A 387 -12.63 -20.23 -5.47
N ASP A 388 -12.07 -21.43 -5.40
CA ASP A 388 -11.88 -22.08 -4.11
C ASP A 388 -10.84 -21.36 -3.27
N LEU A 389 -9.74 -20.94 -3.90
CA LEU A 389 -8.74 -20.13 -3.20
C LEU A 389 -9.37 -18.87 -2.63
N ALA A 390 -10.14 -18.16 -3.45
CA ALA A 390 -10.81 -16.95 -2.98
C ALA A 390 -11.70 -17.23 -1.78
N ALA A 391 -12.44 -18.34 -1.83
CA ALA A 391 -13.33 -18.69 -0.72
C ALA A 391 -12.53 -19.02 0.53
N ARG A 392 -11.41 -19.73 0.38
CA ARG A 392 -10.61 -20.16 1.51
C ARG A 392 -9.66 -19.09 2.02
N THR A 393 -9.62 -17.91 1.40
CA THR A 393 -8.77 -16.83 1.85
C THR A 393 -9.56 -15.71 2.51
N GLU A 394 -10.67 -16.06 3.16
CA GLU A 394 -11.46 -15.08 3.89
C GLU A 394 -10.66 -14.53 5.07
N GLY A 395 -10.66 -13.21 5.21
CA GLY A 395 -9.88 -12.54 6.22
C GLY A 395 -8.47 -12.18 5.80
N PHE A 396 -8.03 -12.58 4.61
CA PHE A 396 -6.69 -12.29 4.16
C PHE A 396 -6.57 -10.83 3.73
N SER A 397 -5.47 -10.18 4.12
CA SER A 397 -5.21 -8.85 3.59
C SER A 397 -4.68 -8.96 2.16
N GLY A 398 -4.44 -7.81 1.56
CA GLY A 398 -3.85 -7.80 0.23
C GLY A 398 -2.45 -8.37 0.20
N ALA A 399 -1.64 -8.04 1.22
CA ALA A 399 -0.28 -8.57 1.28
C ALA A 399 -0.28 -10.06 1.60
N ASP A 400 -1.31 -10.56 2.28
CA ASP A 400 -1.37 -11.98 2.59
C ASP A 400 -1.45 -12.83 1.33
N VAL A 401 -2.14 -12.33 0.31
CA VAL A 401 -2.28 -13.08 -0.94
C VAL A 401 -0.94 -13.26 -1.62
N VAL A 402 -0.13 -12.19 -1.70
CA VAL A 402 1.19 -12.30 -2.30
C VAL A 402 2.05 -13.28 -1.51
N SER A 403 1.97 -13.23 -0.18
CA SER A 403 2.73 -14.17 0.63
C SER A 403 2.26 -15.59 0.40
N LEU A 404 0.96 -15.77 0.16
CA LEU A 404 0.45 -17.10 -0.18
C LEU A 404 1.04 -17.59 -1.49
N CYS A 405 1.04 -16.72 -2.51
CA CYS A 405 1.49 -17.14 -3.83
C CYS A 405 3.01 -17.29 -3.88
N ARG A 406 3.74 -16.41 -3.19
CA ARG A 406 5.19 -16.55 -3.10
C ARG A 406 5.57 -17.85 -2.40
N THR A 407 4.74 -18.32 -1.48
CA THR A 407 5.01 -19.55 -0.75
C THR A 407 4.73 -20.77 -1.63
N ALA A 408 3.53 -20.85 -2.19
CA ALA A 408 3.19 -21.97 -3.07
C ALA A 408 4.13 -22.05 -4.26
N ALA A 409 4.60 -20.90 -4.76
CA ALA A 409 5.54 -20.90 -5.87
C ALA A 409 6.85 -21.59 -5.48
N ILE A 410 7.28 -21.44 -4.22
CA ILE A 410 8.49 -22.09 -3.76
C ILE A 410 8.22 -23.43 -3.08
N ASN A 411 6.97 -23.74 -2.77
CA ASN A 411 6.64 -25.11 -2.37
C ASN A 411 6.96 -26.09 -3.49
N VAL A 412 6.99 -25.60 -4.74
CA VAL A 412 7.51 -26.39 -5.85
C VAL A 412 8.95 -26.82 -5.58
N LEU A 413 9.73 -25.93 -4.95
CA LEU A 413 11.11 -26.27 -4.61
C LEU A 413 11.17 -27.26 -3.46
N ARG A 414 10.23 -27.17 -2.51
CA ARG A 414 10.26 -28.04 -1.34
C ARG A 414 9.79 -29.46 -1.65
N ARG A 415 8.88 -29.63 -2.61
CA ARG A 415 8.47 -30.98 -3.01
C ARG A 415 9.59 -31.71 -3.75
N TYR A 416 10.70 -31.04 -4.02
CA TYR A 416 11.84 -31.65 -4.69
C TYR A 416 12.76 -32.33 -3.68
N ASP A 417 13.39 -33.42 -4.11
CA ASP A 417 14.36 -34.13 -3.29
C ASP A 417 15.57 -33.23 -3.11
N THR A 418 15.69 -32.63 -1.92
CA THR A 418 16.75 -31.65 -1.66
C THR A 418 18.14 -32.28 -1.71
N LYS A 419 18.24 -33.61 -1.75
CA LYS A 419 19.54 -34.28 -1.86
C LYS A 419 20.23 -33.97 -3.18
N SER A 420 19.53 -33.41 -4.16
CA SER A 420 20.15 -32.85 -5.34
C SER A 420 20.85 -31.58 -4.92
N LEU A 421 21.78 -31.72 -3.98
CA LEU A 421 22.40 -30.56 -3.34
C LEU A 421 23.14 -29.72 -4.38
N ARG A 422 24.15 -30.29 -5.01
CA ARG A 422 24.98 -29.59 -6.01
C ARG A 422 25.58 -28.35 -5.34
N GLY A 423 25.49 -27.18 -5.97
CA GLY A 423 26.22 -26.01 -5.52
C GLY A 423 27.40 -25.73 -6.43
N GLY A 424 27.47 -24.49 -6.91
CA GLY A 424 28.46 -24.18 -7.94
C GLY A 424 28.32 -24.87 -9.29
N GLU A 425 27.99 -26.17 -9.31
CA GLU A 425 27.80 -26.91 -10.55
C GLU A 425 26.31 -27.04 -10.85
N LEU A 426 25.95 -26.79 -12.10
CA LEU A 426 24.56 -26.86 -12.55
C LEU A 426 24.22 -28.29 -12.93
N THR A 427 23.11 -28.79 -12.39
CA THR A 427 22.72 -30.19 -12.52
C THR A 427 21.45 -30.30 -13.36
N ALA A 428 21.31 -31.44 -14.04
CA ALA A 428 20.06 -31.74 -14.75
C ALA A 428 18.87 -31.70 -13.80
N ALA A 429 19.07 -32.04 -12.53
CA ALA A 429 18.01 -31.92 -11.54
C ALA A 429 17.64 -30.46 -11.31
N MET A 430 18.55 -29.52 -11.57
CA MET A 430 18.26 -28.10 -11.42
C MET A 430 17.64 -27.51 -12.69
N GLU A 431 18.08 -27.97 -13.87
CA GLU A 431 17.35 -27.63 -15.08
C GLU A 431 15.97 -28.29 -15.13
N SER A 432 15.72 -29.26 -14.25
CA SER A 432 14.38 -29.83 -14.17
C SER A 432 13.44 -28.89 -13.42
N LEU A 433 13.97 -28.10 -12.48
CA LEU A 433 13.15 -27.16 -11.73
C LEU A 433 12.46 -26.16 -12.64
N LYS A 434 13.12 -25.76 -13.73
CA LYS A 434 12.53 -24.78 -14.64
C LYS A 434 11.24 -25.27 -15.27
N ALA A 435 11.06 -26.60 -15.38
CA ALA A 435 9.85 -27.14 -15.98
C ALA A 435 8.71 -27.28 -14.98
N GLU A 436 8.99 -27.19 -13.69
CA GLU A 436 8.01 -27.55 -12.67
C GLU A 436 6.91 -26.51 -12.57
N LEU A 437 5.68 -26.98 -12.35
CA LEU A 437 4.50 -26.14 -12.24
C LEU A 437 4.06 -26.00 -10.79
N VAL A 438 3.54 -24.83 -10.46
CA VAL A 438 2.81 -24.66 -9.20
C VAL A 438 1.47 -25.38 -9.33
N ARG A 439 1.13 -26.17 -8.31
CA ARG A 439 -0.06 -27.03 -8.34
C ARG A 439 -0.90 -26.80 -7.09
N ASN A 440 -2.03 -27.50 -7.02
CA ASN A 440 -2.93 -27.34 -5.88
C ASN A 440 -2.28 -27.77 -4.58
N ILE A 441 -1.43 -28.81 -4.64
CA ILE A 441 -0.73 -29.28 -3.44
C ILE A 441 0.14 -28.18 -2.86
N ASP A 442 0.69 -27.31 -3.70
CA ASP A 442 1.44 -26.16 -3.21
C ASP A 442 0.51 -25.17 -2.51
N PHE A 443 -0.64 -24.87 -3.12
CA PHE A 443 -1.61 -23.98 -2.48
C PHE A 443 -2.16 -24.60 -1.21
N GLU A 444 -2.34 -25.92 -1.20
CA GLU A 444 -2.73 -26.61 0.03
C GLU A 444 -1.63 -26.48 1.09
N ALA A 445 -0.37 -26.65 0.68
CA ALA A 445 0.74 -26.45 1.60
C ALA A 445 0.85 -24.99 2.02
N ALA A 446 0.52 -24.07 1.12
CA ALA A 446 0.61 -22.65 1.43
C ALA A 446 -0.49 -22.22 2.39
N LEU A 447 -1.73 -22.68 2.13
CA LEU A 447 -2.87 -22.26 2.96
C LEU A 447 -2.69 -22.65 4.41
N GLN A 448 -2.05 -23.78 4.69
CA GLN A 448 -1.82 -24.18 6.07
C GLN A 448 -0.59 -23.51 6.69
N ALA A 449 0.16 -22.72 5.92
CA ALA A 449 1.30 -21.98 6.43
C ALA A 449 1.07 -20.49 6.51
N VAL A 450 0.39 -19.90 5.54
CA VAL A 450 0.10 -18.47 5.53
C VAL A 450 -1.24 -18.24 6.21
N SER A 451 -1.19 -17.51 7.32
CA SER A 451 -2.36 -17.11 8.09
C SER A 451 -2.62 -15.62 7.93
N PRO A 452 -3.84 -15.16 8.19
CA PRO A 452 -4.15 -13.73 8.00
C PRO A 452 -3.45 -12.81 8.99
N SER A 453 -3.98 -11.60 9.16
CA SER A 453 -3.39 -10.62 10.06
C SER A 453 -4.44 -9.96 10.94
N ASP A 457 -12.78 -9.46 14.54
CA ASP A 457 -12.93 -8.46 15.58
C ASP A 457 -11.74 -7.51 15.63
N THR A 458 -10.66 -7.89 14.95
CA THR A 458 -9.40 -7.16 15.06
C THR A 458 -9.42 -5.87 14.25
N MET A 459 -10.04 -5.88 13.07
CA MET A 459 -10.04 -4.73 12.16
C MET A 459 -11.29 -3.88 12.26
N LEU A 460 -12.28 -4.27 13.07
CA LEU A 460 -13.49 -3.48 13.20
C LEU A 460 -13.27 -2.18 13.97
N LYS A 461 -12.15 -2.05 14.68
CA LYS A 461 -11.90 -0.83 15.42
C LYS A 461 -11.73 0.38 14.51
N CYS A 462 -11.23 0.15 13.29
CA CYS A 462 -11.11 1.25 12.33
C CYS A 462 -12.47 1.71 11.83
N LYS A 463 -13.49 0.85 11.87
CA LYS A 463 -14.84 1.30 11.55
C LYS A 463 -15.40 2.17 12.68
N GLU A 464 -15.24 1.72 13.92
CA GLU A 464 -15.67 2.48 15.08
C GLU A 464 -14.87 3.75 15.27
N TRP A 465 -13.72 3.90 14.59
CA TRP A 465 -12.90 5.09 14.69
C TRP A 465 -13.10 6.05 13.52
N CYS A 466 -13.23 5.54 12.29
CA CYS A 466 -13.44 6.41 11.14
C CYS A 466 -14.88 6.89 11.05
N ASP A 467 -15.87 6.04 11.36
CA ASP A 467 -17.27 6.43 11.25
C ASP A 467 -17.75 7.29 12.41
N SER A 468 -17.03 7.28 13.53
CA SER A 468 -17.41 8.14 14.65
C SER A 468 -16.36 9.22 14.88
N PHE A 469 -16.12 9.58 16.14
CA PHE A 469 -15.13 10.60 16.47
C PHE A 469 -13.72 10.15 16.10
#